data_7XWP
#
_entry.id   7XWP
#
_cell.length_a   52.121
_cell.length_b   89.017
_cell.length_c   101.235
_cell.angle_alpha   90.000
_cell.angle_beta   90.000
_cell.angle_gamma   90.000
#
_symmetry.space_group_name_H-M   'P 21 21 21'
#
loop_
_entity.id
_entity.type
_entity.pdbx_description
1 polymer 'Estrogen receptor beta'
2 polymer 'SRC peptide'
3 non-polymer (2~{S})-3-(2-chloranyl-4-oxidanyl-phenyl)-2-(4-hydroxyphenyl)propanenitrile
4 water water
#
loop_
_entity_poly.entity_id
_entity_poly.type
_entity_poly.pdbx_seq_one_letter_code
_entity_poly.pdbx_strand_id
1 'polypeptide(L)'
;GPLGSDALSPEQLVLTLLEAEPPHVLISRPSAPFTEASMMMSLTKLADKELVHMISWAKKIPGFVELSLFDQVRLLESSW
MEVLMMGLMWRSIDHPGKLIFAPDLVLDRDEGKSVEGILEIFDMLLATTSRFRELKLQHKEYLCVKAMILLNSSMYPLVT
ATQDADSSRKLAHLLNAVTDALVWVIAKSGISSQQQSMRLANLLMLLSHVRHASNKGMEHLLNMKSKNVVPVYDLLLEML
NAHVLDD
;
A,B
2 'polypeptide(L)' SGSHKLVQLLTTT C,D
#
# COMPACT_ATOMS: atom_id res chain seq x y z
N LEU A 8 8.89 26.68 8.74
CA LEU A 8 9.88 26.09 7.77
C LEU A 8 9.35 26.19 6.33
N SER A 9 10.07 26.81 5.41
CA SER A 9 9.77 26.69 3.96
C SER A 9 9.90 25.21 3.55
N PRO A 10 9.22 24.78 2.45
CA PRO A 10 9.45 23.46 1.88
C PRO A 10 10.93 23.23 1.54
N GLU A 11 11.61 24.25 1.03
CA GLU A 11 13.04 24.12 0.66
C GLU A 11 13.84 23.75 1.91
N GLN A 12 13.59 24.40 3.03
CA GLN A 12 14.45 24.23 4.23
C GLN A 12 13.99 22.99 4.99
N LEU A 13 12.73 22.55 4.87
CA LEU A 13 12.31 21.18 5.31
C LEU A 13 13.11 20.16 4.51
N VAL A 14 13.14 20.28 3.17
CA VAL A 14 13.86 19.28 2.35
C VAL A 14 15.34 19.23 2.78
N LEU A 15 15.94 20.38 3.12
CA LEU A 15 17.38 20.43 3.51
C LEU A 15 17.56 19.72 4.86
N THR A 16 16.62 19.87 5.79
CA THR A 16 16.57 19.10 7.05
C THR A 16 16.57 17.60 6.73
N LEU A 17 15.75 17.13 5.79
CA LEU A 17 15.79 15.68 5.43
C LEU A 17 17.18 15.37 4.85
N LEU A 18 17.72 16.28 4.05
CA LEU A 18 19.06 16.03 3.45
C LEU A 18 20.05 15.86 4.61
N GLU A 19 19.94 16.69 5.65
CA GLU A 19 20.87 16.65 6.83
C GLU A 19 20.62 15.40 7.70
N ALA A 20 19.43 14.80 7.63
CA ALA A 20 19.00 13.67 8.48
C ALA A 20 19.50 12.36 7.86
N GLU A 21 19.91 12.41 6.60
CA GLU A 21 20.27 11.20 5.80
C GLU A 21 21.29 10.41 6.60
N PRO A 22 21.09 9.09 6.75
CA PRO A 22 22.03 8.30 7.53
C PRO A 22 23.32 8.15 6.73
N PRO A 23 24.43 7.74 7.38
CA PRO A 23 25.68 7.47 6.67
C PRO A 23 25.61 6.20 5.80
N HIS A 24 26.52 6.09 4.84
CA HIS A 24 26.77 4.86 4.07
C HIS A 24 27.24 3.80 5.07
N VAL A 25 26.52 2.68 5.13
CA VAL A 25 26.75 1.52 6.03
C VAL A 25 27.39 0.42 5.18
N LEU A 26 28.49 -0.15 5.66
CA LEU A 26 29.21 -1.29 5.03
C LEU A 26 29.07 -2.47 5.98
N ILE A 27 29.16 -3.70 5.47
CA ILE A 27 28.96 -4.92 6.31
C ILE A 27 30.30 -5.40 6.89
N SER A 28 31.46 -4.96 6.38
CA SER A 28 32.79 -5.37 6.93
C SER A 28 32.80 -6.87 7.21
N ARG A 29 32.47 -7.72 6.22
CA ARG A 29 32.20 -9.18 6.42
C ARG A 29 32.97 -10.00 5.39
N GLU A 36 24.37 -18.20 0.08
CA GLU A 36 23.88 -19.24 1.03
C GLU A 36 23.74 -18.59 2.42
N ALA A 37 24.13 -19.28 3.50
CA ALA A 37 24.11 -18.74 4.88
C ALA A 37 24.81 -17.35 4.90
N SER A 38 25.94 -17.20 4.18
CA SER A 38 26.76 -15.96 4.09
C SER A 38 25.90 -14.77 3.61
N MET A 39 25.24 -14.91 2.46
CA MET A 39 24.37 -13.84 1.90
C MET A 39 23.38 -13.38 2.98
N MET A 40 22.66 -14.33 3.59
CA MET A 40 21.56 -14.10 4.56
C MET A 40 22.10 -13.49 5.87
N MET A 41 23.27 -13.94 6.31
CA MET A 41 23.92 -13.34 7.50
C MET A 41 24.27 -11.89 7.16
N SER A 42 24.72 -11.64 5.92
CA SER A 42 25.14 -10.30 5.46
C SER A 42 23.93 -9.35 5.44
N LEU A 43 22.77 -9.85 5.04
CA LEU A 43 21.53 -9.02 4.93
C LEU A 43 21.01 -8.70 6.34
N THR A 44 21.01 -9.65 7.25
CA THR A 44 20.43 -9.44 8.61
C THR A 44 21.37 -8.52 9.37
N LYS A 45 22.67 -8.70 9.19
CA LYS A 45 23.70 -7.86 9.85
C LYS A 45 23.54 -6.41 9.37
N LEU A 46 23.38 -6.22 8.05
CA LEU A 46 23.21 -4.89 7.42
C LEU A 46 21.95 -4.23 8.02
N ALA A 47 20.85 -4.97 8.04
CA ALA A 47 19.53 -4.44 8.47
C ALA A 47 19.63 -3.95 9.93
N ASP A 48 20.29 -4.73 10.79
CA ASP A 48 20.52 -4.38 12.22
C ASP A 48 21.30 -3.06 12.32
N LYS A 49 22.38 -2.89 11.56
CA LYS A 49 23.16 -1.62 11.60
C LYS A 49 22.31 -0.48 11.02
N GLU A 50 21.60 -0.72 9.92
CA GLU A 50 20.80 0.34 9.26
C GLU A 50 19.70 0.80 10.21
N LEU A 51 19.16 -0.10 11.02
CA LEU A 51 18.05 0.21 11.94
C LEU A 51 18.53 1.20 12.99
N VAL A 52 19.76 1.07 13.46
CA VAL A 52 20.37 2.06 14.39
C VAL A 52 20.33 3.43 13.72
N HIS A 53 20.78 3.53 12.47
CA HIS A 53 20.87 4.83 11.75
C HIS A 53 19.45 5.33 11.42
N MET A 54 18.52 4.41 11.15
CA MET A 54 17.12 4.80 10.83
C MET A 54 16.54 5.54 12.04
N ILE A 55 16.83 5.09 13.25
CA ILE A 55 16.26 5.75 14.46
C ILE A 55 16.80 7.18 14.53
N SER A 56 18.11 7.41 14.32
CA SER A 56 18.69 8.78 14.32
C SER A 56 18.09 9.66 13.22
N TRP A 57 17.91 9.11 12.03
CA TRP A 57 17.20 9.76 10.92
C TRP A 57 15.83 10.26 11.39
N ALA A 58 14.94 9.35 11.78
CA ALA A 58 13.58 9.67 12.26
C ALA A 58 13.64 10.86 13.20
N LYS A 59 14.55 10.84 14.17
CA LYS A 59 14.58 11.86 15.26
C LYS A 59 14.99 13.23 14.70
N LYS A 60 15.58 13.26 13.50
CA LYS A 60 16.05 14.51 12.86
C LYS A 60 14.96 15.03 11.92
N ILE A 61 13.85 14.33 11.80
CA ILE A 61 12.69 14.85 11.05
C ILE A 61 11.99 15.86 11.95
N PRO A 62 11.92 17.15 11.56
CA PRO A 62 11.34 18.18 12.42
C PRO A 62 9.97 17.73 12.94
N GLY A 63 9.73 17.85 14.23
CA GLY A 63 8.44 17.44 14.83
C GLY A 63 8.40 15.99 15.27
N PHE A 64 9.22 15.09 14.73
CA PHE A 64 9.09 13.63 15.03
C PHE A 64 9.23 13.39 16.54
N VAL A 65 10.24 13.98 17.19
CA VAL A 65 10.48 13.80 18.64
C VAL A 65 9.41 14.53 19.47
N GLU A 66 8.57 15.39 18.88
CA GLU A 66 7.46 16.05 19.59
C GLU A 66 6.25 15.11 19.63
N LEU A 67 6.22 14.07 18.80
CA LEU A 67 5.18 13.02 18.89
C LEU A 67 5.33 12.27 20.21
N SER A 68 4.23 11.71 20.71
CA SER A 68 4.23 10.69 21.80
C SER A 68 5.24 9.59 21.47
N LEU A 69 5.89 9.07 22.52
CA LEU A 69 6.82 7.93 22.41
C LEU A 69 6.08 6.76 21.78
N PHE A 70 4.83 6.55 22.17
CA PHE A 70 4.00 5.44 21.62
C PHE A 70 3.97 5.57 20.09
N ASP A 71 3.72 6.78 19.63
CA ASP A 71 3.52 7.10 18.20
C ASP A 71 4.88 6.94 17.48
N GLN A 72 5.94 7.51 18.06
CA GLN A 72 7.31 7.37 17.53
C GLN A 72 7.60 5.88 17.31
N VAL A 73 7.37 5.06 18.34
CA VAL A 73 7.59 3.58 18.34
C VAL A 73 6.72 2.90 17.29
N ARG A 74 5.43 3.23 17.26
CA ARG A 74 4.46 2.61 16.32
C ARG A 74 4.90 2.89 14.86
N LEU A 75 5.28 4.11 14.55
CA LEU A 75 5.63 4.51 13.16
C LEU A 75 6.87 3.74 12.69
N LEU A 76 7.90 3.59 13.52
CA LEU A 76 9.16 2.88 13.15
C LEU A 76 8.90 1.37 13.09
N GLU A 77 8.12 0.83 14.04
CA GLU A 77 7.72 -0.59 14.04
C GLU A 77 6.98 -0.93 12.74
N SER A 78 6.07 -0.09 12.29
CA SER A 78 5.23 -0.37 11.11
C SER A 78 6.07 -0.29 9.84
N SER A 79 6.91 0.73 9.73
CA SER A 79 7.49 1.19 8.44
C SER A 79 8.93 0.72 8.22
N TRP A 80 9.62 0.10 9.20
CA TRP A 80 11.09 -0.01 9.10
C TRP A 80 11.53 -0.74 7.81
N MET A 81 10.86 -1.84 7.44
CA MET A 81 11.27 -2.64 6.27
C MET A 81 11.04 -1.81 4.99
N GLU A 82 9.91 -1.10 4.91
CA GLU A 82 9.60 -0.20 3.77
C GLU A 82 10.66 0.91 3.68
N VAL A 83 11.07 1.51 4.79
CA VAL A 83 12.12 2.55 4.77
C VAL A 83 13.46 1.90 4.34
N LEU A 84 13.78 0.70 4.78
CA LEU A 84 15.04 0.04 4.33
C LEU A 84 14.96 -0.18 2.81
N MET A 85 13.81 -0.61 2.30
CA MET A 85 13.72 -1.02 0.88
C MET A 85 13.75 0.21 0.01
N MET A 86 13.14 1.32 0.46
CA MET A 86 13.16 2.60 -0.28
C MET A 86 14.63 3.04 -0.43
N GLY A 87 15.40 2.94 0.64
CA GLY A 87 16.84 3.33 0.64
C GLY A 87 17.61 2.47 -0.32
N LEU A 88 17.33 1.16 -0.30
CA LEU A 88 17.96 0.19 -1.23
C LEU A 88 17.66 0.57 -2.68
N MET A 89 16.40 0.89 -2.99
CA MET A 89 15.95 1.22 -4.37
C MET A 89 16.69 2.49 -4.84
N TRP A 90 16.80 3.51 -3.98
CA TRP A 90 17.54 4.75 -4.31
C TRP A 90 19.02 4.45 -4.56
N ARG A 91 19.67 3.62 -3.74
CA ARG A 91 21.12 3.30 -3.94
C ARG A 91 21.31 2.47 -5.21
N SER A 92 20.29 1.74 -5.66
CA SER A 92 20.35 0.78 -6.79
C SER A 92 19.99 1.47 -8.12
N ILE A 93 19.41 2.67 -8.07
CA ILE A 93 18.64 3.27 -9.20
C ILE A 93 19.54 3.36 -10.46
N ASP A 94 20.80 3.77 -10.32
CA ASP A 94 21.79 3.97 -11.41
C ASP A 94 22.60 2.70 -11.64
N HIS A 95 22.14 1.53 -11.18
CA HIS A 95 22.87 0.24 -11.31
C HIS A 95 21.91 -0.86 -11.74
N PRO A 96 21.46 -0.80 -13.01
CA PRO A 96 20.48 -1.76 -13.53
C PRO A 96 20.99 -3.19 -13.33
N GLY A 97 20.06 -4.12 -13.04
CA GLY A 97 20.33 -5.53 -12.70
C GLY A 97 20.95 -5.74 -11.32
N LYS A 98 21.17 -4.67 -10.54
CA LYS A 98 21.91 -4.81 -9.27
C LYS A 98 21.12 -4.21 -8.10
N LEU A 99 21.30 -4.81 -6.92
CA LEU A 99 20.73 -4.30 -5.65
C LEU A 99 21.91 -3.92 -4.78
N ILE A 100 22.11 -2.61 -4.62
CA ILE A 100 23.26 -2.04 -3.88
C ILE A 100 22.88 -2.05 -2.40
N PHE A 101 22.87 -3.22 -1.77
CA PHE A 101 22.58 -3.29 -0.31
C PHE A 101 23.61 -2.40 0.38
N ALA A 102 24.88 -2.53 -0.04
CA ALA A 102 26.02 -1.78 0.49
C ALA A 102 27.14 -1.87 -0.52
N PRO A 103 28.13 -0.95 -0.47
CA PRO A 103 29.28 -1.04 -1.37
C PRO A 103 29.91 -2.44 -1.36
N ASP A 104 29.92 -3.11 -0.20
CA ASP A 104 30.52 -4.46 -0.04
C ASP A 104 29.42 -5.52 0.03
N LEU A 105 28.22 -5.18 -0.43
CA LEU A 105 27.11 -6.14 -0.54
C LEU A 105 26.26 -5.73 -1.73
N VAL A 106 26.77 -6.05 -2.92
CA VAL A 106 26.09 -5.82 -4.22
C VAL A 106 25.63 -7.19 -4.68
N LEU A 107 24.34 -7.36 -4.98
CA LEU A 107 23.77 -8.69 -5.30
C LEU A 107 22.90 -8.56 -6.57
N ASP A 108 22.95 -9.59 -7.42
CA ASP A 108 22.02 -9.74 -8.57
C ASP A 108 21.10 -10.93 -8.27
N ARG A 109 20.08 -11.13 -9.10
CA ARG A 109 19.01 -12.16 -8.97
C ARG A 109 19.63 -13.56 -8.91
N ASP A 110 20.77 -13.76 -9.58
CA ASP A 110 21.52 -15.04 -9.59
C ASP A 110 21.90 -15.40 -8.15
N GLU A 111 22.62 -14.50 -7.47
CA GLU A 111 22.99 -14.63 -6.03
C GLU A 111 21.70 -14.86 -5.21
N GLY A 112 20.59 -14.25 -5.61
CA GLY A 112 19.27 -14.39 -4.97
C GLY A 112 18.69 -15.80 -5.06
N LYS A 113 18.83 -16.44 -6.21
CA LYS A 113 18.36 -17.83 -6.51
C LYS A 113 18.87 -18.79 -5.43
N SER A 114 20.05 -18.53 -4.84
CA SER A 114 20.76 -19.43 -3.90
C SER A 114 20.05 -19.56 -2.55
N VAL A 115 18.93 -18.86 -2.31
CA VAL A 115 18.12 -19.04 -1.07
C VAL A 115 16.65 -18.98 -1.45
N GLU A 116 15.89 -20.01 -1.07
CA GLU A 116 14.45 -20.18 -1.40
C GLU A 116 13.68 -18.95 -0.92
N GLY A 117 12.86 -18.38 -1.80
CA GLY A 117 12.00 -17.21 -1.52
C GLY A 117 12.69 -15.89 -1.79
N ILE A 118 14.02 -15.84 -1.91
CA ILE A 118 14.74 -14.56 -2.10
C ILE A 118 14.61 -14.07 -3.56
N LEU A 119 14.67 -14.99 -4.54
CA LEU A 119 14.52 -14.68 -5.99
C LEU A 119 13.32 -13.72 -6.16
N GLU A 120 12.15 -14.15 -5.70
CA GLU A 120 10.89 -13.38 -5.77
C GLU A 120 11.14 -11.96 -5.27
N ILE A 121 11.83 -11.84 -4.14
CA ILE A 121 11.95 -10.52 -3.45
C ILE A 121 12.93 -9.68 -4.24
N PHE A 122 14.03 -10.27 -4.68
CA PHE A 122 14.99 -9.57 -5.55
C PHE A 122 14.23 -9.07 -6.80
N ASP A 123 13.40 -9.93 -7.40
CA ASP A 123 12.71 -9.70 -8.71
C ASP A 123 11.36 -9.06 -8.42
N MET A 124 11.38 -7.81 -7.97
CA MET A 124 10.28 -7.13 -7.24
C MET A 124 10.87 -5.80 -6.75
N LEU A 125 11.94 -5.90 -5.96
CA LEU A 125 12.83 -4.76 -5.65
C LEU A 125 13.48 -4.25 -6.95
N LEU A 126 13.90 -5.19 -7.82
CA LEU A 126 14.58 -4.84 -9.09
C LEU A 126 13.56 -4.13 -10.02
N ALA A 127 12.35 -4.67 -10.10
CA ALA A 127 11.22 -4.14 -10.90
C ALA A 127 10.86 -2.72 -10.42
N THR A 128 10.59 -2.55 -9.13
CA THR A 128 10.21 -1.23 -8.57
C THR A 128 11.35 -0.23 -8.78
N THR A 129 12.58 -0.66 -8.57
CA THR A 129 13.78 0.19 -8.81
C THR A 129 13.71 0.66 -10.26
N SER A 130 13.42 -0.25 -11.19
CA SER A 130 13.37 0.08 -12.64
C SER A 130 12.27 1.12 -12.90
N ARG A 131 11.11 1.00 -12.25
CA ARG A 131 10.05 2.04 -12.33
C ARG A 131 10.62 3.40 -11.88
N PHE A 132 11.35 3.43 -10.75
CA PHE A 132 11.87 4.71 -10.24
C PHE A 132 12.88 5.23 -11.25
N ARG A 133 13.67 4.33 -11.82
CA ARG A 133 14.71 4.67 -12.83
C ARG A 133 14.02 5.30 -14.04
N GLU A 134 12.94 4.70 -14.52
CA GLU A 134 12.14 5.17 -15.68
C GLU A 134 11.58 6.57 -15.40
N LEU A 135 11.02 6.80 -14.20
CA LEU A 135 10.50 8.13 -13.79
C LEU A 135 11.64 9.12 -13.57
N LYS A 136 12.90 8.66 -13.62
CA LYS A 136 14.10 9.49 -13.29
C LYS A 136 13.92 10.14 -11.91
N LEU A 137 13.72 9.32 -10.89
CA LEU A 137 13.49 9.80 -9.49
C LEU A 137 14.68 10.67 -9.07
N GLN A 138 14.42 11.88 -8.57
CA GLN A 138 15.46 12.82 -8.12
C GLN A 138 15.71 12.61 -6.63
N HIS A 139 16.91 12.92 -6.17
CA HIS A 139 17.30 12.80 -4.75
C HIS A 139 16.27 13.47 -3.82
N LYS A 140 15.80 14.66 -4.15
CA LYS A 140 14.95 15.44 -3.21
C LYS A 140 13.57 14.80 -3.15
N GLU A 141 13.15 14.19 -4.26
CA GLU A 141 11.88 13.42 -4.32
C GLU A 141 12.00 12.23 -3.40
N TYR A 142 13.11 11.49 -3.50
CA TYR A 142 13.43 10.32 -2.65
C TYR A 142 13.37 10.74 -1.18
N LEU A 143 14.10 11.80 -0.81
CA LEU A 143 14.10 12.29 0.60
C LEU A 143 12.65 12.42 1.08
N CYS A 144 11.78 13.04 0.26
CA CYS A 144 10.40 13.35 0.67
C CYS A 144 9.61 12.03 0.79
N VAL A 145 9.69 11.14 -0.21
CA VAL A 145 8.87 9.88 -0.17
C VAL A 145 9.33 8.97 0.98
N LYS A 146 10.64 8.89 1.24
CA LYS A 146 11.14 8.02 2.35
C LYS A 146 10.52 8.47 3.68
N ALA A 147 10.45 9.78 3.92
CA ALA A 147 9.85 10.40 5.14
C ALA A 147 8.33 10.16 5.15
N MET A 148 7.70 10.23 3.98
CA MET A 148 6.24 10.01 3.81
C MET A 148 5.93 8.56 4.17
N ILE A 149 6.79 7.61 3.80
CA ILE A 149 6.60 6.17 4.09
C ILE A 149 6.55 5.99 5.60
N LEU A 150 7.49 6.59 6.32
CA LEU A 150 7.49 6.52 7.80
C LEU A 150 6.21 7.15 8.34
N LEU A 151 5.92 8.38 7.93
CA LEU A 151 4.87 9.23 8.55
C LEU A 151 3.49 8.70 8.17
N ASN A 152 3.33 8.03 7.02
CA ASN A 152 2.02 7.53 6.54
C ASN A 152 1.80 6.06 6.95
N SER A 153 2.62 5.46 7.78
CA SER A 153 2.57 3.99 8.02
C SER A 153 1.37 3.67 8.92
N SER A 154 0.71 2.54 8.62
CA SER A 154 -0.72 2.23 8.93
C SER A 154 -0.85 1.73 10.37
N ASP A 166 -3.63 15.07 20.44
CA ASP A 166 -2.45 15.97 20.44
C ASP A 166 -1.37 15.40 19.50
N SER A 167 -0.95 14.15 19.74
CA SER A 167 0.07 13.45 18.92
C SER A 167 -0.48 13.24 17.49
N SER A 168 -1.68 12.69 17.33
CA SER A 168 -2.30 12.39 16.01
C SER A 168 -2.39 13.67 15.16
N ARG A 169 -2.63 14.82 15.80
CA ARG A 169 -2.75 16.13 15.12
C ARG A 169 -1.36 16.57 14.68
N LYS A 170 -0.36 16.42 15.55
CA LYS A 170 1.06 16.70 15.22
C LYS A 170 1.47 15.80 14.03
N LEU A 171 1.04 14.54 14.00
CA LEU A 171 1.44 13.58 12.94
C LEU A 171 0.86 14.03 11.60
N ALA A 172 -0.39 14.47 11.59
CA ALA A 172 -1.10 14.94 10.38
C ALA A 172 -0.41 16.20 9.84
N HIS A 173 -0.04 17.11 10.72
CA HIS A 173 0.70 18.34 10.35
C HIS A 173 2.04 17.92 9.73
N LEU A 174 2.76 17.02 10.39
CA LEU A 174 4.11 16.62 9.93
C LEU A 174 3.96 15.97 8.54
N LEU A 175 3.03 15.04 8.37
CA LEU A 175 2.82 14.35 7.06
C LEU A 175 2.43 15.38 6.00
N ASN A 176 1.51 16.29 6.33
CA ASN A 176 1.12 17.42 5.45
C ASN A 176 2.35 18.24 5.01
N ALA A 177 3.26 18.54 5.94
CA ALA A 177 4.48 19.34 5.67
C ALA A 177 5.40 18.61 4.66
N VAL A 178 5.62 17.31 4.82
CA VAL A 178 6.54 16.55 3.92
C VAL A 178 5.87 16.44 2.54
N THR A 179 4.55 16.29 2.51
CA THR A 179 3.73 16.19 1.26
C THR A 179 3.83 17.53 0.53
N ASP A 180 3.65 18.61 1.25
CA ASP A 180 3.87 19.98 0.74
C ASP A 180 5.27 20.12 0.15
N ALA A 181 6.29 19.54 0.80
CA ALA A 181 7.69 19.61 0.34
C ALA A 181 7.85 18.84 -0.99
N LEU A 182 7.26 17.64 -1.10
CA LEU A 182 7.34 16.85 -2.35
C LEU A 182 6.68 17.61 -3.52
N VAL A 183 5.54 18.24 -3.29
CA VAL A 183 4.85 19.08 -4.31
C VAL A 183 5.81 20.21 -4.74
N TRP A 184 6.46 20.84 -3.77
CA TRP A 184 7.42 21.92 -4.06
C TRP A 184 8.57 21.36 -4.89
N VAL A 185 9.09 20.18 -4.51
CA VAL A 185 10.23 19.60 -5.26
C VAL A 185 9.79 19.43 -6.71
N ILE A 186 8.59 18.91 -6.93
CA ILE A 186 8.13 18.63 -8.32
C ILE A 186 7.94 19.96 -9.09
N ALA A 187 7.45 20.99 -8.40
CA ALA A 187 7.24 22.34 -8.97
C ALA A 187 8.58 22.90 -9.48
N LYS A 188 9.66 22.59 -8.77
CA LYS A 188 11.02 23.13 -9.08
C LYS A 188 11.55 22.52 -10.39
N SER A 189 11.06 21.37 -10.83
CA SER A 189 11.49 20.72 -12.10
C SER A 189 11.12 21.61 -13.28
N GLY A 190 10.16 22.52 -13.09
CA GLY A 190 9.67 23.46 -14.11
C GLY A 190 8.76 22.85 -15.16
N ILE A 191 8.34 21.57 -15.03
CA ILE A 191 7.43 20.92 -16.02
C ILE A 191 6.03 21.52 -15.85
N SER A 192 5.11 21.24 -16.77
CA SER A 192 3.76 21.85 -16.75
C SER A 192 3.05 21.45 -15.46
N SER A 193 2.05 22.23 -15.07
CA SER A 193 1.14 22.01 -13.92
C SER A 193 0.47 20.62 -14.02
N GLN A 194 0.03 20.28 -15.24
CA GLN A 194 -0.54 18.96 -15.58
C GLN A 194 0.48 17.87 -15.29
N GLN A 195 1.71 18.04 -15.79
CA GLN A 195 2.79 17.03 -15.71
C GLN A 195 3.27 16.91 -14.26
N GLN A 196 3.16 17.99 -13.47
CA GLN A 196 3.48 17.99 -12.02
C GLN A 196 2.51 17.04 -11.31
N SER A 197 1.25 17.09 -11.70
CA SER A 197 0.16 16.29 -11.10
C SER A 197 0.38 14.82 -11.45
N MET A 198 0.69 14.53 -12.70
CA MET A 198 0.90 13.16 -13.21
C MET A 198 2.13 12.55 -12.54
N ARG A 199 3.19 13.33 -12.40
CA ARG A 199 4.44 12.87 -11.77
C ARG A 199 4.17 12.57 -10.30
N LEU A 200 3.47 13.46 -9.59
CA LEU A 200 3.12 13.27 -8.17
C LEU A 200 2.32 11.96 -8.01
N ALA A 201 1.30 11.76 -8.82
CA ALA A 201 0.52 10.50 -8.83
C ALA A 201 1.46 9.32 -9.08
N ASN A 202 2.31 9.40 -10.12
CA ASN A 202 3.18 8.25 -10.50
C ASN A 202 4.09 7.87 -9.32
N LEU A 203 4.65 8.84 -8.64
CA LEU A 203 5.57 8.56 -7.51
C LEU A 203 4.79 7.87 -6.40
N LEU A 204 3.67 8.47 -6.00
CA LEU A 204 2.89 8.02 -4.83
C LEU A 204 2.29 6.65 -5.14
N MET A 205 1.98 6.36 -6.40
CA MET A 205 1.50 5.00 -6.72
C MET A 205 2.61 3.97 -6.47
N LEU A 206 3.89 4.30 -6.67
CA LEU A 206 4.98 3.31 -6.49
C LEU A 206 5.06 2.93 -5.01
N LEU A 207 4.56 3.78 -4.11
CA LEU A 207 4.58 3.53 -2.65
C LEU A 207 3.92 2.20 -2.33
N SER A 208 2.79 1.87 -2.94
CA SER A 208 2.10 0.59 -2.64
C SER A 208 2.94 -0.57 -3.17
N HIS A 209 3.81 -0.36 -4.18
CA HIS A 209 4.77 -1.40 -4.67
C HIS A 209 5.91 -1.61 -3.67
N VAL A 210 6.40 -0.53 -3.01
CA VAL A 210 7.41 -0.61 -1.92
C VAL A 210 6.78 -1.38 -0.75
N ARG A 211 5.53 -1.09 -0.41
CA ARG A 211 4.83 -1.67 0.77
C ARG A 211 4.56 -3.15 0.49
N HIS A 212 4.28 -3.50 -0.77
CA HIS A 212 4.13 -4.92 -1.21
C HIS A 212 5.43 -5.70 -1.01
N ALA A 213 6.56 -5.21 -1.54
CA ALA A 213 7.88 -5.87 -1.42
C ALA A 213 8.24 -5.99 0.08
N SER A 214 7.87 -4.99 0.87
CA SER A 214 8.05 -4.93 2.34
C SER A 214 7.32 -6.09 2.99
N ASN A 215 6.06 -6.31 2.60
CA ASN A 215 5.20 -7.40 3.12
C ASN A 215 5.82 -8.75 2.77
N LYS A 216 6.23 -8.98 1.52
CA LYS A 216 6.85 -10.27 1.10
C LYS A 216 8.15 -10.45 1.90
N GLY A 217 8.94 -9.40 2.07
CA GLY A 217 10.22 -9.43 2.79
C GLY A 217 10.03 -9.78 4.26
N MET A 218 9.03 -9.20 4.91
CA MET A 218 8.78 -9.35 6.37
C MET A 218 8.32 -10.79 6.65
N GLU A 219 7.52 -11.36 5.74
CA GLU A 219 7.04 -12.76 5.75
C GLU A 219 8.27 -13.68 5.67
N HIS A 220 9.12 -13.49 4.68
CA HIS A 220 10.31 -14.36 4.47
C HIS A 220 11.23 -14.31 5.69
N LEU A 221 11.44 -13.12 6.29
CA LEU A 221 12.36 -12.92 7.45
C LEU A 221 11.77 -13.57 8.71
N LEU A 222 10.49 -13.37 8.97
CA LEU A 222 9.78 -14.01 10.12
C LEU A 222 9.96 -15.54 10.02
N ASN A 223 9.74 -16.10 8.83
CA ASN A 223 9.88 -17.55 8.53
C ASN A 223 11.32 -17.97 8.85
N MET A 224 12.30 -17.22 8.35
CA MET A 224 13.72 -17.54 8.63
C MET A 224 13.97 -17.46 10.14
N LYS A 225 13.35 -16.50 10.85
CA LYS A 225 13.53 -16.35 12.32
C LYS A 225 12.91 -17.57 13.02
N SER A 226 11.70 -18.00 12.63
CA SER A 226 10.97 -19.11 13.30
C SER A 226 11.76 -20.41 13.17
N LYS A 227 12.57 -20.55 12.12
CA LYS A 227 13.44 -21.73 11.86
C LYS A 227 14.80 -21.53 12.50
N ASN A 228 15.05 -20.35 13.10
CA ASN A 228 16.35 -19.92 13.69
C ASN A 228 17.51 -20.19 12.73
N VAL A 229 17.36 -19.96 11.43
CA VAL A 229 18.49 -20.15 10.45
C VAL A 229 19.20 -18.83 10.15
N VAL A 230 18.77 -17.71 10.74
CA VAL A 230 19.43 -16.38 10.60
C VAL A 230 19.74 -15.89 12.00
N PRO A 231 20.95 -15.32 12.22
CA PRO A 231 21.39 -14.93 13.56
C PRO A 231 20.44 -13.89 14.18
N VAL A 232 20.15 -14.07 15.47
CA VAL A 232 19.14 -13.26 16.23
C VAL A 232 19.84 -11.99 16.69
N TYR A 233 19.80 -10.94 15.85
CA TYR A 233 20.37 -9.60 16.16
C TYR A 233 19.34 -8.80 16.96
N ASP A 234 19.75 -8.18 18.07
CA ASP A 234 18.84 -7.63 19.10
C ASP A 234 17.90 -6.56 18.51
N LEU A 235 18.40 -5.54 17.81
CA LEU A 235 17.48 -4.46 17.36
C LEU A 235 16.55 -5.01 16.27
N LEU A 236 17.12 -5.73 15.30
CA LEU A 236 16.36 -6.37 14.20
C LEU A 236 15.32 -7.36 14.78
N LEU A 237 15.72 -8.20 15.71
CA LEU A 237 14.81 -9.16 16.40
C LEU A 237 13.64 -8.39 17.02
N GLU A 238 13.94 -7.32 17.73
CA GLU A 238 12.91 -6.51 18.42
C GLU A 238 11.97 -5.87 17.37
N MET A 239 12.52 -5.32 16.29
CA MET A 239 11.69 -4.69 15.21
C MET A 239 10.86 -5.76 14.49
N LEU A 240 11.39 -6.98 14.29
CA LEU A 240 10.63 -8.07 13.62
C LEU A 240 9.47 -8.55 14.52
N ASN A 241 9.72 -8.72 15.81
CA ASN A 241 8.70 -9.18 16.81
C ASN A 241 7.53 -8.19 16.89
N ALA A 242 7.73 -6.89 16.72
CA ALA A 242 6.62 -5.93 16.61
C ALA A 242 5.53 -6.51 15.69
N HIS A 243 5.91 -6.98 14.50
CA HIS A 243 4.99 -7.50 13.44
C HIS A 243 4.40 -8.83 13.90
N LEU B 8 -12.08 8.10 -24.16
CA LEU B 8 -10.83 8.81 -24.60
C LEU B 8 -10.64 10.09 -23.77
N SER B 9 -11.56 11.06 -23.79
CA SER B 9 -11.41 12.28 -22.96
C SER B 9 -11.50 11.86 -21.48
N PRO B 10 -10.86 12.60 -20.54
CA PRO B 10 -11.02 12.35 -19.10
C PRO B 10 -12.50 12.30 -18.64
N GLU B 11 -13.33 13.23 -19.12
CA GLU B 11 -14.77 13.24 -18.78
C GLU B 11 -15.46 11.97 -19.32
N GLN B 12 -15.16 11.56 -20.54
CA GLN B 12 -15.71 10.32 -21.15
C GLN B 12 -15.22 9.09 -20.39
N LEU B 13 -13.97 9.09 -19.94
CA LEU B 13 -13.47 7.96 -19.10
C LEU B 13 -14.26 7.91 -17.78
N VAL B 14 -14.47 9.05 -17.12
CA VAL B 14 -15.24 9.09 -15.84
C VAL B 14 -16.68 8.66 -16.11
N LEU B 15 -17.29 9.11 -17.20
CA LEU B 15 -18.69 8.71 -17.53
C LEU B 15 -18.76 7.20 -17.77
N THR B 16 -17.76 6.63 -18.44
CA THR B 16 -17.65 5.16 -18.65
C THR B 16 -17.54 4.44 -17.31
N LEU B 17 -16.73 4.93 -16.37
CA LEU B 17 -16.62 4.23 -15.05
C LEU B 17 -17.97 4.31 -14.32
N LEU B 18 -18.62 5.48 -14.37
CA LEU B 18 -19.89 5.76 -13.64
C LEU B 18 -20.90 4.72 -14.07
N GLU B 19 -21.04 4.58 -15.37
CA GLU B 19 -22.01 3.65 -15.99
C GLU B 19 -21.59 2.23 -15.61
N ALA B 20 -20.28 1.94 -15.50
CA ALA B 20 -19.73 0.60 -15.21
C ALA B 20 -19.87 0.22 -13.73
N GLU B 21 -20.26 1.12 -12.83
CA GLU B 21 -20.40 0.79 -11.39
C GLU B 21 -21.23 -0.48 -11.22
N PRO B 22 -20.81 -1.48 -10.43
CA PRO B 22 -21.65 -2.65 -10.19
C PRO B 22 -22.98 -2.28 -9.53
N PRO B 23 -24.07 -3.06 -9.73
CA PRO B 23 -25.28 -2.90 -8.90
C PRO B 23 -25.02 -3.44 -7.49
N HIS B 24 -25.71 -2.93 -6.46
CA HIS B 24 -25.51 -3.40 -5.07
C HIS B 24 -26.01 -4.86 -4.97
N VAL B 25 -25.21 -5.74 -4.39
CA VAL B 25 -25.56 -7.16 -4.15
C VAL B 25 -26.41 -7.24 -2.88
N LEU B 26 -27.55 -7.90 -2.94
CA LEU B 26 -28.50 -8.03 -1.80
C LEU B 26 -28.16 -9.31 -1.03
N ILE B 27 -27.92 -9.16 0.26
CA ILE B 27 -27.74 -10.27 1.23
C ILE B 27 -28.62 -9.92 2.42
N SER B 28 -29.39 -10.89 2.90
CA SER B 28 -30.25 -10.75 4.11
C SER B 28 -29.37 -10.95 5.35
N ARG B 29 -29.55 -10.10 6.36
CA ARG B 29 -29.07 -10.38 7.74
C ARG B 29 -29.65 -11.75 8.16
N PRO B 30 -28.83 -12.62 8.78
CA PRO B 30 -29.35 -13.82 9.43
C PRO B 30 -30.53 -13.46 10.35
N SER B 31 -31.50 -14.36 10.42
CA SER B 31 -32.68 -14.23 11.30
C SER B 31 -32.25 -14.21 12.78
N ALA B 32 -31.38 -15.13 13.17
CA ALA B 32 -30.89 -15.27 14.56
C ALA B 32 -29.71 -14.32 14.74
N PRO B 33 -29.39 -13.91 16.00
CA PRO B 33 -28.22 -13.07 16.24
C PRO B 33 -26.97 -13.79 15.70
N PHE B 34 -26.00 -13.02 15.21
CA PHE B 34 -24.81 -13.52 14.46
C PHE B 34 -24.04 -14.52 15.34
N THR B 35 -23.65 -15.63 14.73
CA THR B 35 -22.65 -16.58 15.23
C THR B 35 -21.40 -16.42 14.36
N GLU B 36 -20.28 -16.99 14.77
CA GLU B 36 -19.07 -17.13 13.92
C GLU B 36 -19.50 -17.58 12.51
N ALA B 37 -20.27 -18.66 12.45
CA ALA B 37 -20.61 -19.38 11.20
C ALA B 37 -21.51 -18.49 10.34
N SER B 38 -22.47 -17.81 10.96
CA SER B 38 -23.49 -17.03 10.24
C SER B 38 -22.83 -15.73 9.73
N MET B 39 -21.97 -15.11 10.50
CA MET B 39 -21.25 -13.91 10.01
C MET B 39 -20.36 -14.31 8.84
N MET B 40 -19.62 -15.42 8.97
CA MET B 40 -18.64 -15.85 7.95
C MET B 40 -19.39 -16.27 6.69
N MET B 41 -20.54 -16.91 6.86
CA MET B 41 -21.35 -17.36 5.70
C MET B 41 -21.86 -16.10 4.99
N SER B 42 -22.30 -15.10 5.76
CA SER B 42 -22.85 -13.81 5.27
C SER B 42 -21.77 -13.05 4.47
N LEU B 43 -20.56 -12.93 5.00
CA LEU B 43 -19.50 -12.09 4.39
C LEU B 43 -18.95 -12.79 3.14
N THR B 44 -18.85 -14.11 3.14
CA THR B 44 -18.20 -14.84 2.02
C THR B 44 -19.19 -15.03 0.89
N LYS B 45 -20.48 -15.14 1.23
CA LYS B 45 -21.54 -15.23 0.20
C LYS B 45 -21.55 -13.90 -0.56
N LEU B 46 -21.46 -12.80 0.18
CA LEU B 46 -21.40 -11.44 -0.41
C LEU B 46 -20.18 -11.28 -1.33
N ALA B 47 -18.99 -11.61 -0.82
CA ALA B 47 -17.73 -11.50 -1.58
C ALA B 47 -17.85 -12.31 -2.88
N ASP B 48 -18.29 -13.56 -2.79
CA ASP B 48 -18.39 -14.45 -3.98
C ASP B 48 -19.29 -13.77 -5.03
N LYS B 49 -20.46 -13.25 -4.63
CA LYS B 49 -21.42 -12.55 -5.52
C LYS B 49 -20.77 -11.24 -6.04
N GLU B 50 -20.08 -10.47 -5.19
CA GLU B 50 -19.47 -9.19 -5.64
C GLU B 50 -18.34 -9.48 -6.64
N LEU B 51 -17.63 -10.59 -6.45
CA LEU B 51 -16.48 -10.96 -7.30
C LEU B 51 -16.96 -11.18 -8.73
N VAL B 52 -18.13 -11.76 -8.88
CA VAL B 52 -18.71 -11.95 -10.24
C VAL B 52 -18.88 -10.56 -10.86
N HIS B 53 -19.44 -9.61 -10.10
CA HIS B 53 -19.79 -8.27 -10.64
C HIS B 53 -18.49 -7.49 -10.88
N MET B 54 -17.47 -7.72 -10.04
CA MET B 54 -16.17 -7.05 -10.17
C MET B 54 -15.58 -7.42 -11.54
N ILE B 55 -15.70 -8.70 -11.92
CA ILE B 55 -15.02 -9.17 -13.18
C ILE B 55 -15.69 -8.45 -14.34
N SER B 56 -17.01 -8.37 -14.28
CA SER B 56 -17.79 -7.65 -15.31
C SER B 56 -17.41 -6.15 -15.32
N TRP B 57 -17.24 -5.51 -14.16
CA TRP B 57 -16.86 -4.08 -14.06
C TRP B 57 -15.49 -3.88 -14.71
N ALA B 58 -14.52 -4.74 -14.40
CA ALA B 58 -13.14 -4.64 -14.93
C ALA B 58 -13.17 -4.65 -16.46
N LYS B 59 -13.99 -5.52 -17.05
CA LYS B 59 -14.04 -5.68 -18.52
C LYS B 59 -14.60 -4.40 -19.17
N LYS B 60 -15.27 -3.54 -18.40
CA LYS B 60 -15.88 -2.29 -18.93
C LYS B 60 -14.90 -1.12 -18.75
N ILE B 61 -13.78 -1.30 -18.05
CA ILE B 61 -12.75 -0.22 -18.00
C ILE B 61 -12.12 -0.18 -19.38
N PRO B 62 -12.16 0.98 -20.07
CA PRO B 62 -11.63 1.09 -21.43
C PRO B 62 -10.19 0.59 -21.47
N GLY B 63 -9.91 -0.39 -22.33
CA GLY B 63 -8.55 -0.91 -22.55
C GLY B 63 -8.23 -2.15 -21.73
N PHE B 64 -8.97 -2.44 -20.66
CA PHE B 64 -8.69 -3.59 -19.79
C PHE B 64 -8.70 -4.89 -20.61
N VAL B 65 -9.70 -5.10 -21.47
CA VAL B 65 -9.86 -6.39 -22.20
C VAL B 65 -8.81 -6.46 -23.32
N GLU B 66 -8.08 -5.39 -23.60
CA GLU B 66 -6.97 -5.38 -24.60
C GLU B 66 -5.66 -5.84 -23.95
N LEU B 67 -5.57 -5.88 -22.62
CA LEU B 67 -4.43 -6.50 -21.88
C LEU B 67 -4.36 -7.97 -22.22
N SER B 68 -3.18 -8.57 -22.07
CA SER B 68 -2.96 -10.03 -22.03
C SER B 68 -3.96 -10.63 -21.01
N LEU B 69 -4.63 -11.72 -21.36
CA LEU B 69 -5.48 -12.49 -20.43
C LEU B 69 -4.70 -12.70 -19.11
N PHE B 70 -3.41 -12.99 -19.17
CA PHE B 70 -2.58 -13.34 -18.00
C PHE B 70 -2.38 -12.09 -17.12
N ASP B 71 -2.34 -10.90 -17.73
CA ASP B 71 -2.32 -9.60 -16.98
C ASP B 71 -3.69 -9.33 -16.34
N GLN B 72 -4.78 -9.49 -17.09
CA GLN B 72 -6.15 -9.30 -16.53
C GLN B 72 -6.27 -10.16 -15.26
N VAL B 73 -5.87 -11.44 -15.33
CA VAL B 73 -5.98 -12.42 -14.20
C VAL B 73 -5.12 -11.94 -13.02
N ARG B 74 -3.85 -11.62 -13.29
CA ARG B 74 -2.91 -11.16 -12.23
C ARG B 74 -3.45 -9.87 -11.56
N LEU B 75 -3.93 -8.89 -12.31
CA LEU B 75 -4.48 -7.63 -11.71
C LEU B 75 -5.63 -7.97 -10.77
N LEU B 76 -6.52 -8.88 -11.16
CA LEU B 76 -7.76 -9.15 -10.40
C LEU B 76 -7.42 -10.03 -9.20
N GLU B 77 -6.50 -10.99 -9.37
CA GLU B 77 -6.09 -11.88 -8.25
C GLU B 77 -5.38 -11.04 -7.18
N SER B 78 -4.57 -10.08 -7.62
CA SER B 78 -3.76 -9.19 -6.76
C SER B 78 -4.63 -8.19 -5.97
N SER B 79 -5.67 -7.61 -6.58
CA SER B 79 -6.37 -6.40 -6.10
C SER B 79 -7.78 -6.66 -5.56
N TRP B 80 -8.35 -7.86 -5.68
CA TRP B 80 -9.83 -8.03 -5.52
C TRP B 80 -10.25 -7.59 -4.12
N MET B 81 -9.48 -7.92 -3.08
CA MET B 81 -9.94 -7.62 -1.71
C MET B 81 -9.87 -6.10 -1.49
N GLU B 82 -8.85 -5.42 -2.01
CA GLU B 82 -8.74 -3.93 -1.95
C GLU B 82 -9.93 -3.31 -2.68
N VAL B 83 -10.31 -3.86 -3.84
CA VAL B 83 -11.43 -3.31 -4.65
C VAL B 83 -12.70 -3.50 -3.84
N LEU B 84 -12.91 -4.67 -3.24
CA LEU B 84 -14.10 -4.93 -2.39
C LEU B 84 -14.13 -3.93 -1.25
N MET B 85 -12.99 -3.73 -0.59
CA MET B 85 -12.95 -2.84 0.60
C MET B 85 -13.19 -1.38 0.20
N MET B 86 -12.65 -0.91 -0.91
CA MET B 86 -12.87 0.48 -1.38
C MET B 86 -14.39 0.66 -1.63
N GLY B 87 -15.04 -0.31 -2.27
CA GLY B 87 -16.51 -0.27 -2.47
C GLY B 87 -17.21 -0.18 -1.13
N LEU B 88 -16.82 -1.01 -0.18
CA LEU B 88 -17.44 -1.04 1.16
C LEU B 88 -17.31 0.35 1.81
N MET B 89 -16.10 0.93 1.81
CA MET B 89 -15.83 2.24 2.44
C MET B 89 -16.71 3.31 1.78
N TRP B 90 -16.81 3.31 0.45
CA TRP B 90 -17.70 4.24 -0.27
C TRP B 90 -19.15 4.04 0.17
N ARG B 91 -19.64 2.80 0.22
CA ARG B 91 -21.04 2.55 0.63
C ARG B 91 -21.20 3.00 2.07
N SER B 92 -20.13 3.04 2.86
CA SER B 92 -20.23 3.27 4.32
C SER B 92 -20.01 4.76 4.66
N ILE B 93 -19.71 5.60 3.65
CA ILE B 93 -19.23 6.99 3.89
C ILE B 93 -20.38 7.89 4.38
N ASP B 94 -21.61 7.62 3.93
CA ASP B 94 -22.85 8.37 4.33
C ASP B 94 -23.47 7.78 5.61
N HIS B 95 -22.75 6.98 6.40
CA HIS B 95 -23.32 6.23 7.55
C HIS B 95 -22.26 6.01 8.63
N PRO B 96 -21.82 7.08 9.32
CA PRO B 96 -20.75 6.97 10.32
C PRO B 96 -21.08 5.91 11.39
N GLY B 97 -20.05 5.19 11.86
CA GLY B 97 -20.14 4.12 12.87
C GLY B 97 -20.41 2.77 12.24
N LYS B 98 -20.87 2.73 10.99
CA LYS B 98 -21.44 1.51 10.33
C LYS B 98 -20.60 1.10 9.12
N LEU B 99 -20.56 -0.21 8.87
CA LEU B 99 -20.02 -0.79 7.62
C LEU B 99 -21.20 -1.29 6.80
N ILE B 100 -21.47 -0.64 5.68
CA ILE B 100 -22.63 -1.00 4.82
C ILE B 100 -22.15 -2.08 3.84
N PHE B 101 -22.04 -3.32 4.30
CA PHE B 101 -21.68 -4.50 3.46
C PHE B 101 -22.72 -4.72 2.35
N ALA B 102 -23.99 -4.47 2.65
CA ALA B 102 -25.14 -4.51 1.71
C ALA B 102 -26.30 -3.80 2.38
N PRO B 103 -27.36 -3.41 1.63
CA PRO B 103 -28.50 -2.69 2.23
C PRO B 103 -29.01 -3.31 3.53
N ASP B 104 -29.25 -4.64 3.58
CA ASP B 104 -29.73 -5.35 4.81
C ASP B 104 -28.56 -5.97 5.59
N LEU B 105 -27.30 -5.66 5.26
CA LEU B 105 -26.13 -6.21 6.01
C LEU B 105 -25.28 -5.05 6.54
N VAL B 106 -25.78 -4.40 7.60
CA VAL B 106 -25.22 -3.14 8.18
C VAL B 106 -24.57 -3.51 9.52
N LEU B 107 -23.23 -3.52 9.58
CA LEU B 107 -22.48 -4.07 10.74
C LEU B 107 -21.79 -2.92 11.48
N ASP B 108 -21.75 -3.00 12.82
CA ASP B 108 -21.06 -2.07 13.74
C ASP B 108 -19.84 -2.84 14.28
N ARG B 109 -18.96 -2.18 15.05
CA ARG B 109 -17.89 -2.86 15.83
C ARG B 109 -18.51 -3.99 16.65
N ASP B 110 -19.73 -3.78 17.17
CA ASP B 110 -20.53 -4.77 17.94
C ASP B 110 -20.45 -6.13 17.25
N GLU B 111 -21.12 -6.27 16.11
CA GLU B 111 -21.30 -7.55 15.38
C GLU B 111 -19.93 -8.15 15.02
N GLY B 112 -18.85 -7.34 15.04
CA GLY B 112 -17.46 -7.82 14.89
C GLY B 112 -17.12 -8.92 15.88
N LYS B 113 -17.56 -8.77 17.13
CA LYS B 113 -17.39 -9.76 18.24
C LYS B 113 -17.60 -11.20 17.76
N SER B 114 -18.53 -11.45 16.85
CA SER B 114 -19.02 -12.81 16.55
C SER B 114 -17.90 -13.68 15.92
N VAL B 115 -16.81 -13.10 15.41
CA VAL B 115 -15.71 -13.83 14.70
C VAL B 115 -14.37 -13.34 15.27
N GLU B 116 -13.58 -14.27 15.81
CA GLU B 116 -12.24 -13.99 16.40
C GLU B 116 -11.38 -13.26 15.35
N GLY B 117 -10.90 -12.05 15.68
CA GLY B 117 -9.98 -11.27 14.84
C GLY B 117 -10.67 -10.32 13.84
N ILE B 118 -11.97 -10.46 13.60
CA ILE B 118 -12.68 -9.63 12.58
C ILE B 118 -12.77 -8.18 13.06
N LEU B 119 -12.84 -7.94 14.37
CA LEU B 119 -13.11 -6.58 14.95
C LEU B 119 -11.95 -5.65 14.53
N GLU B 120 -10.73 -6.15 14.63
CA GLU B 120 -9.49 -5.50 14.14
C GLU B 120 -9.69 -5.02 12.69
N ILE B 121 -10.28 -5.83 11.82
CA ILE B 121 -10.46 -5.53 10.36
C ILE B 121 -11.53 -4.44 10.26
N PHE B 122 -12.63 -4.58 10.98
CA PHE B 122 -13.75 -3.59 11.01
C PHE B 122 -13.21 -2.22 11.46
N ASP B 123 -12.35 -2.21 12.48
CA ASP B 123 -11.74 -0.96 13.03
C ASP B 123 -10.96 -0.25 11.92
N MET B 124 -10.04 -0.96 11.28
CA MET B 124 -9.25 -0.43 10.13
C MET B 124 -10.19 0.16 9.08
N LEU B 125 -11.22 -0.59 8.69
CA LEU B 125 -12.16 -0.20 7.63
C LEU B 125 -12.91 1.05 8.10
N LEU B 126 -13.33 1.07 9.35
CA LEU B 126 -14.06 2.24 9.93
C LEU B 126 -13.14 3.45 9.96
N ALA B 127 -11.90 3.30 10.39
CA ALA B 127 -10.93 4.40 10.48
C ALA B 127 -10.62 4.94 9.08
N THR B 128 -10.30 4.10 8.10
CA THR B 128 -9.96 4.58 6.74
C THR B 128 -11.18 5.27 6.14
N THR B 129 -12.35 4.68 6.34
CA THR B 129 -13.63 5.30 5.93
C THR B 129 -13.72 6.71 6.52
N SER B 130 -13.35 6.91 7.79
CA SER B 130 -13.34 8.25 8.47
C SER B 130 -12.41 9.21 7.72
N ARG B 131 -11.21 8.77 7.36
CA ARG B 131 -10.26 9.59 6.56
C ARG B 131 -10.95 10.05 5.26
N PHE B 132 -11.59 9.14 4.54
CA PHE B 132 -12.27 9.47 3.27
C PHE B 132 -13.37 10.50 3.55
N ARG B 133 -14.12 10.30 4.63
CA ARG B 133 -15.19 11.24 5.08
C ARG B 133 -14.58 12.62 5.40
N GLU B 134 -13.49 12.68 6.18
CA GLU B 134 -12.85 13.99 6.52
C GLU B 134 -12.43 14.67 5.21
N LEU B 135 -11.87 13.90 4.26
CA LEU B 135 -11.42 14.46 2.96
C LEU B 135 -12.65 14.80 2.10
N LYS B 136 -13.86 14.44 2.51
CA LYS B 136 -15.06 14.67 1.67
C LYS B 136 -14.82 14.07 0.27
N LEU B 137 -14.39 12.80 0.20
CA LEU B 137 -14.27 12.05 -1.08
C LEU B 137 -15.54 12.21 -1.93
N GLN B 138 -15.38 12.53 -3.20
CA GLN B 138 -16.48 12.74 -4.14
C GLN B 138 -16.65 11.48 -5.00
N HIS B 139 -17.88 11.30 -5.47
CA HIS B 139 -18.30 10.12 -6.25
C HIS B 139 -17.32 9.94 -7.40
N LYS B 140 -17.04 10.99 -8.18
CA LYS B 140 -16.24 10.81 -9.41
C LYS B 140 -14.79 10.53 -9.01
N GLU B 141 -14.36 10.99 -7.83
CA GLU B 141 -12.99 10.73 -7.33
C GLU B 141 -12.90 9.25 -6.97
N TYR B 142 -13.90 8.74 -6.25
CA TYR B 142 -14.04 7.32 -5.83
C TYR B 142 -13.88 6.38 -7.05
N LEU B 143 -14.63 6.65 -8.09
CA LEU B 143 -14.63 5.87 -9.36
C LEU B 143 -13.20 5.74 -9.89
N CYS B 144 -12.44 6.84 -9.97
CA CYS B 144 -11.06 6.88 -10.49
C CYS B 144 -10.13 6.11 -9.55
N VAL B 145 -10.25 6.34 -8.25
CA VAL B 145 -9.43 5.64 -7.23
C VAL B 145 -9.69 4.14 -7.26
N LYS B 146 -10.93 3.70 -7.43
CA LYS B 146 -11.22 2.24 -7.43
C LYS B 146 -10.57 1.57 -8.64
N ALA B 147 -10.61 2.20 -9.82
CA ALA B 147 -9.94 1.69 -11.04
C ALA B 147 -8.41 1.74 -10.86
N MET B 148 -7.91 2.76 -10.18
CA MET B 148 -6.45 2.90 -9.92
C MET B 148 -5.96 1.74 -9.05
N ILE B 149 -6.76 1.31 -8.07
CA ILE B 149 -6.44 0.19 -7.15
C ILE B 149 -6.28 -1.06 -7.97
N LEU B 150 -7.19 -1.29 -8.91
CA LEU B 150 -7.05 -2.46 -9.81
C LEU B 150 -5.79 -2.35 -10.67
N LEU B 151 -5.62 -1.23 -11.36
CA LEU B 151 -4.62 -1.16 -12.46
C LEU B 151 -3.21 -1.05 -11.90
N ASN B 152 -3.08 -0.64 -10.64
CA ASN B 152 -1.79 -0.38 -9.96
C ASN B 152 -1.40 -1.58 -9.10
N SER B 153 -2.17 -2.67 -9.11
CA SER B 153 -1.94 -3.83 -8.21
C SER B 153 -0.71 -4.65 -8.66
N SER B 154 -0.23 -4.44 -9.89
N ASP B 166 1.63 -4.90 -26.96
CA ASP B 166 2.41 -5.28 -25.75
C ASP B 166 1.66 -4.84 -24.48
N SER B 167 1.35 -5.82 -23.63
CA SER B 167 0.41 -5.67 -22.48
C SER B 167 0.98 -4.69 -21.43
N SER B 168 2.28 -4.72 -21.16
CA SER B 168 2.90 -3.90 -20.08
C SER B 168 2.76 -2.42 -20.43
N ARG B 169 3.04 -2.04 -21.69
CA ARG B 169 2.94 -0.63 -22.15
C ARG B 169 1.47 -0.20 -22.11
N LYS B 170 0.53 -1.03 -22.54
CA LYS B 170 -0.93 -0.75 -22.46
C LYS B 170 -1.31 -0.49 -21.00
N LEU B 171 -0.85 -1.31 -20.06
CA LEU B 171 -1.29 -1.17 -18.64
C LEU B 171 -0.85 0.21 -18.14
N ALA B 172 0.43 0.56 -18.31
CA ALA B 172 0.95 1.91 -18.00
C ALA B 172 0.02 2.98 -18.57
N HIS B 173 -0.34 2.85 -19.86
CA HIS B 173 -1.15 3.85 -20.61
C HIS B 173 -2.53 3.95 -19.97
N LEU B 174 -3.14 2.80 -19.69
CA LEU B 174 -4.48 2.70 -19.07
C LEU B 174 -4.41 3.31 -17.66
N LEU B 175 -3.36 3.05 -16.90
CA LEU B 175 -3.21 3.65 -15.54
C LEU B 175 -3.03 5.19 -15.64
N ASN B 176 -2.29 5.67 -16.63
CA ASN B 176 -2.11 7.13 -16.86
C ASN B 176 -3.43 7.81 -17.27
N ALA B 177 -4.23 7.16 -18.10
CA ALA B 177 -5.55 7.68 -18.52
C ALA B 177 -6.43 7.84 -17.28
N VAL B 178 -6.45 6.85 -16.40
CA VAL B 178 -7.31 6.93 -15.18
C VAL B 178 -6.76 8.00 -14.24
N THR B 179 -5.44 8.11 -14.15
CA THR B 179 -4.77 9.10 -13.30
C THR B 179 -5.14 10.47 -13.83
N ASP B 180 -5.06 10.62 -15.14
CA ASP B 180 -5.39 11.86 -15.88
C ASP B 180 -6.84 12.24 -15.59
N ALA B 181 -7.74 11.26 -15.52
CA ALA B 181 -9.17 11.53 -15.20
C ALA B 181 -9.32 12.02 -13.76
N LEU B 182 -8.62 11.41 -12.81
CA LEU B 182 -8.70 11.85 -11.38
C LEU B 182 -8.19 13.31 -11.29
N VAL B 183 -7.14 13.62 -12.04
CA VAL B 183 -6.54 14.98 -12.04
C VAL B 183 -7.59 15.97 -12.57
N TRP B 184 -8.27 15.61 -13.66
CA TRP B 184 -9.37 16.40 -14.28
C TRP B 184 -10.50 16.59 -13.28
N VAL B 185 -10.94 15.54 -12.56
CA VAL B 185 -12.07 15.64 -11.57
C VAL B 185 -11.71 16.63 -10.45
N ILE B 186 -10.49 16.56 -9.93
CA ILE B 186 -10.02 17.49 -8.86
C ILE B 186 -9.96 18.93 -9.42
N ALA B 187 -9.52 19.12 -10.67
CA ALA B 187 -9.47 20.46 -11.31
C ALA B 187 -10.88 21.10 -11.37
N LYS B 188 -11.95 20.32 -11.63
CA LYS B 188 -13.33 20.83 -11.78
C LYS B 188 -13.85 21.31 -10.42
N SER B 189 -13.14 21.00 -9.32
CA SER B 189 -13.44 21.54 -7.98
C SER B 189 -13.04 23.03 -7.91
N GLY B 190 -12.09 23.46 -8.75
CA GLY B 190 -11.74 24.87 -8.90
C GLY B 190 -10.80 25.40 -7.84
N ILE B 191 -10.31 24.55 -6.91
CA ILE B 191 -9.31 24.96 -5.87
C ILE B 191 -8.00 25.30 -6.57
N SER B 192 -7.08 25.96 -5.85
CA SER B 192 -5.76 26.39 -6.39
C SER B 192 -4.99 25.15 -6.87
N SER B 193 -4.05 25.37 -7.79
CA SER B 193 -3.10 24.36 -8.35
C SER B 193 -2.34 23.67 -7.20
N GLN B 194 -1.87 24.40 -6.18
CA GLN B 194 -1.17 23.78 -5.03
C GLN B 194 -2.15 22.91 -4.25
N GLN B 195 -3.39 23.35 -4.08
CA GLN B 195 -4.40 22.60 -3.28
C GLN B 195 -4.84 21.38 -4.06
N GLN B 196 -4.84 21.47 -5.38
CA GLN B 196 -5.17 20.32 -6.25
C GLN B 196 -4.12 19.24 -6.01
N SER B 197 -2.83 19.60 -6.04
CA SER B 197 -1.73 18.66 -5.76
C SER B 197 -1.93 18.02 -4.40
N MET B 198 -2.21 18.81 -3.35
CA MET B 198 -2.31 18.29 -1.98
C MET B 198 -3.47 17.29 -1.88
N ARG B 199 -4.56 17.56 -2.55
CA ARG B 199 -5.78 16.72 -2.47
C ARG B 199 -5.44 15.39 -3.13
N LEU B 200 -4.77 15.46 -4.28
CA LEU B 200 -4.37 14.25 -5.02
C LEU B 200 -3.41 13.43 -4.15
N ALA B 201 -2.42 14.07 -3.53
CA ALA B 201 -1.51 13.37 -2.61
C ALA B 201 -2.31 12.74 -1.47
N ASN B 202 -3.20 13.50 -0.86
CA ASN B 202 -3.96 13.02 0.34
C ASN B 202 -4.79 11.80 -0.05
N LEU B 203 -5.41 11.79 -1.24
CA LEU B 203 -6.23 10.64 -1.70
C LEU B 203 -5.32 9.43 -1.91
N LEU B 204 -4.22 9.62 -2.63
CA LEU B 204 -3.38 8.47 -3.04
C LEU B 204 -2.69 7.86 -1.81
N MET B 205 -2.28 8.67 -0.84
CA MET B 205 -1.65 8.17 0.40
C MET B 205 -2.62 7.30 1.19
N LEU B 206 -3.93 7.50 1.04
CA LEU B 206 -4.97 6.62 1.63
C LEU B 206 -4.97 5.26 0.95
N LEU B 207 -4.44 5.11 -0.28
CA LEU B 207 -4.42 3.80 -0.99
C LEU B 207 -3.58 2.78 -0.20
N SER B 208 -2.44 3.18 0.38
CA SER B 208 -1.58 2.21 1.12
C SER B 208 -2.34 1.70 2.37
N HIS B 209 -3.23 2.48 2.96
CA HIS B 209 -4.07 2.09 4.13
C HIS B 209 -5.17 1.11 3.71
N VAL B 210 -5.79 1.33 2.56
CA VAL B 210 -6.80 0.38 1.98
C VAL B 210 -6.08 -0.94 1.80
N ARG B 211 -4.88 -0.90 1.25
CA ARG B 211 -4.06 -2.09 0.90
C ARG B 211 -3.64 -2.82 2.18
N HIS B 212 -3.38 -2.11 3.27
CA HIS B 212 -3.02 -2.73 4.57
C HIS B 212 -4.22 -3.53 5.10
N ALA B 213 -5.38 -2.89 5.14
CA ALA B 213 -6.68 -3.49 5.52
C ALA B 213 -6.94 -4.74 4.65
N SER B 214 -6.60 -4.67 3.37
CA SER B 214 -6.66 -5.83 2.42
C SER B 214 -5.73 -6.95 2.87
N ASN B 215 -4.47 -6.66 3.20
CA ASN B 215 -3.49 -7.70 3.61
C ASN B 215 -4.02 -8.38 4.89
N LYS B 216 -4.43 -7.62 5.90
CA LYS B 216 -4.94 -8.18 7.17
C LYS B 216 -6.20 -9.01 6.90
N GLY B 217 -7.14 -8.49 6.12
CA GLY B 217 -8.38 -9.22 5.77
C GLY B 217 -8.10 -10.51 5.02
N MET B 218 -7.21 -10.49 4.05
CA MET B 218 -6.80 -11.71 3.32
C MET B 218 -6.17 -12.73 4.28
N GLU B 219 -5.28 -12.31 5.17
CA GLU B 219 -4.62 -13.26 6.10
C GLU B 219 -5.72 -13.84 7.00
N HIS B 220 -6.64 -13.00 7.49
CA HIS B 220 -7.78 -13.44 8.32
C HIS B 220 -8.58 -14.52 7.58
N LEU B 221 -8.99 -14.22 6.37
CA LEU B 221 -9.86 -15.10 5.58
C LEU B 221 -9.13 -16.43 5.34
N LEU B 222 -7.86 -16.40 4.95
CA LEU B 222 -7.10 -17.66 4.72
C LEU B 222 -7.12 -18.49 6.01
N ASN B 223 -6.95 -17.86 7.17
CA ASN B 223 -6.92 -18.59 8.47
C ASN B 223 -8.29 -19.19 8.73
N MET B 224 -9.37 -18.49 8.37
CA MET B 224 -10.75 -19.01 8.60
C MET B 224 -10.99 -20.20 7.68
N LYS B 225 -10.50 -20.16 6.43
CA LYS B 225 -10.51 -21.29 5.48
C LYS B 225 -9.80 -22.49 6.11
N SER B 226 -8.66 -22.30 6.78
CA SER B 226 -7.92 -23.36 7.51
C SER B 226 -8.76 -23.96 8.64
N LYS B 227 -9.61 -23.17 9.30
CA LYS B 227 -10.46 -23.61 10.44
C LYS B 227 -11.68 -24.38 9.94
N ASN B 228 -11.89 -24.47 8.62
CA ASN B 228 -13.06 -25.12 7.98
C ASN B 228 -14.37 -24.35 8.25
N VAL B 229 -14.30 -23.06 8.61
CA VAL B 229 -15.50 -22.20 8.83
C VAL B 229 -16.00 -21.68 7.47
N VAL B 230 -15.14 -21.61 6.45
CA VAL B 230 -15.50 -21.03 5.11
C VAL B 230 -16.36 -22.05 4.35
N PRO B 231 -17.45 -21.62 3.67
CA PRO B 231 -18.17 -22.49 2.72
C PRO B 231 -17.46 -22.68 1.37
N VAL B 232 -17.93 -23.67 0.58
CA VAL B 232 -17.55 -23.87 -0.85
C VAL B 232 -18.26 -22.78 -1.67
N TYR B 233 -17.57 -21.67 -1.94
CA TYR B 233 -17.89 -20.68 -2.98
C TYR B 233 -16.71 -20.68 -3.94
N ASP B 234 -16.88 -21.30 -5.11
CA ASP B 234 -15.80 -21.67 -6.07
C ASP B 234 -14.97 -20.44 -6.46
N LEU B 235 -15.59 -19.32 -6.80
CA LEU B 235 -14.83 -18.12 -7.28
C LEU B 235 -14.00 -17.56 -6.13
N LEU B 236 -14.63 -17.30 -4.98
CA LEU B 236 -13.93 -16.76 -3.78
C LEU B 236 -12.73 -17.66 -3.46
N LEU B 237 -12.93 -18.98 -3.41
CA LEU B 237 -11.86 -19.94 -3.05
C LEU B 237 -10.69 -19.74 -4.01
N GLU B 238 -10.98 -19.75 -5.32
CA GLU B 238 -9.98 -19.52 -6.41
C GLU B 238 -9.19 -18.25 -6.10
N MET B 239 -9.89 -17.15 -5.84
CA MET B 239 -9.26 -15.81 -5.68
C MET B 239 -8.40 -15.83 -4.43
N LEU B 240 -8.91 -16.45 -3.36
CA LEU B 240 -8.18 -16.62 -2.08
C LEU B 240 -6.88 -17.42 -2.32
N ASN B 241 -6.93 -18.56 -3.02
CA ASN B 241 -5.74 -19.44 -3.28
C ASN B 241 -4.71 -18.75 -4.18
N ALA B 242 -5.11 -17.77 -4.99
CA ALA B 242 -4.14 -16.84 -5.64
C ALA B 242 -3.40 -16.03 -4.56
N HIS B 243 -4.02 -15.83 -3.38
CA HIS B 243 -3.52 -15.04 -2.23
C HIS B 243 -3.36 -13.55 -2.63
N SER C 3 14.58 -6.49 26.30
CA SER C 3 15.18 -5.80 25.11
C SER C 3 14.26 -4.66 24.62
N HIS C 4 14.70 -3.43 24.87
CA HIS C 4 13.99 -2.15 24.59
C HIS C 4 14.94 -1.17 23.89
N LYS C 5 15.72 -1.66 22.93
CA LYS C 5 16.78 -0.85 22.27
C LYS C 5 16.11 0.25 21.45
N LEU C 6 14.93 0.01 20.86
CA LEU C 6 14.23 1.07 20.07
C LEU C 6 13.95 2.27 20.99
N VAL C 7 13.36 2.03 22.16
CA VAL C 7 13.05 3.12 23.13
C VAL C 7 14.37 3.74 23.61
N GLN C 8 15.38 2.93 23.93
CA GLN C 8 16.70 3.47 24.40
C GLN C 8 17.24 4.48 23.39
N LEU C 9 17.25 4.12 22.09
CA LEU C 9 17.86 4.95 21.01
C LEU C 9 17.00 6.18 20.74
N LEU C 10 15.68 6.06 20.86
CA LEU C 10 14.75 7.21 20.68
C LEU C 10 14.96 8.26 21.76
N THR C 11 15.41 7.87 22.95
CA THR C 11 15.45 8.78 24.14
C THR C 11 16.87 9.27 24.42
N THR C 12 17.88 8.81 23.70
CA THR C 12 19.31 9.18 23.85
C THR C 12 19.97 9.40 22.47
N THR C 13 21.15 10.04 22.47
CA THR C 13 21.91 10.44 21.26
C THR C 13 23.40 10.08 21.46
N HIS D 4 -9.72 -21.39 -12.95
CA HIS D 4 -10.60 -21.75 -14.09
C HIS D 4 -11.80 -20.80 -14.14
N LYS D 5 -12.50 -20.56 -13.03
CA LYS D 5 -13.76 -19.77 -13.08
C LYS D 5 -13.44 -18.32 -13.45
N LEU D 6 -12.30 -17.80 -12.98
CA LEU D 6 -11.90 -16.41 -13.27
C LEU D 6 -11.73 -16.27 -14.79
N VAL D 7 -11.01 -17.22 -15.39
CA VAL D 7 -10.72 -17.20 -16.86
C VAL D 7 -12.05 -17.30 -17.63
N GLN D 8 -12.99 -18.14 -17.19
CA GLN D 8 -14.32 -18.28 -17.83
C GLN D 8 -15.09 -16.95 -17.81
N LEU D 9 -15.15 -16.32 -16.63
CA LEU D 9 -15.88 -15.03 -16.50
C LEU D 9 -15.19 -13.95 -17.35
N LEU D 10 -13.86 -13.98 -17.48
CA LEU D 10 -13.14 -12.94 -18.26
C LEU D 10 -13.37 -13.14 -19.76
N THR D 11 -13.43 -14.38 -20.23
CA THR D 11 -13.33 -14.67 -21.69
C THR D 11 -14.62 -15.20 -22.27
N THR D 12 -15.46 -15.93 -21.52
CA THR D 12 -16.63 -16.62 -22.13
C THR D 12 -17.94 -16.12 -21.53
N THR D 13 -17.88 -15.06 -20.74
CA THR D 13 -18.99 -14.15 -20.37
C THR D 13 -18.64 -12.76 -20.91
#